data_9GS1
#
_entry.id   9GS1
#
_cell.length_a   96.154
_cell.length_b   97.839
_cell.length_c   126.318
_cell.angle_alpha   90.000
_cell.angle_beta   90.000
_cell.angle_gamma   90.000
#
_symmetry.space_group_name_H-M   'I 2 2 2'
#
loop_
_entity.id
_entity.type
_entity.pdbx_description
1 polymer 'Oleoyl-acyl carrier protein thioesterase 1, chloroplastic'
2 non-polymer Oxaziclomefone
3 non-polymer 'SULFATE ION'
4 non-polymer GLYCEROL
5 water water
#
_entity_poly.entity_id   1
_entity_poly.type   'polypeptide(L)'
_entity_poly.pdbx_seq_one_letter_code
;MGSLTEDGLSYKEKFVVRSYEVGSNKTATVETIANLLQEVGCNHAQSVGFSTDGFATTTTMRKLHLIWVTARMHIEIYKY
PAWGDVVEIETWCQSEGRIGTRRDWILKDSVTGEVTGRATSKWVMMNQDTRRLQKVSDDVRDEYLVFCPQEPRLAFPEEN
NRSLKKIPKLEDPAQYSMIGLKPRRADLDMNQHVNNVTYIGWVLESIPQEIVDTHELQVITLDYRRECQQDDVVDSLTTT
TSEIGGTNGSATSGTQGHNDSQFLHLLRLSGDGQEINRGTTLWRKKPSSHHHHHH
;
_entity_poly.pdbx_strand_id   AaA,BaB
#
loop_
_chem_comp.id
_chem_comp.type
_chem_comp.name
_chem_comp.formula
A1IPE non-polymer Oxaziclomefone 'C20 H19 Cl2 N O2'
GOL non-polymer GLYCEROL 'C3 H8 O3'
SO4 non-polymer 'SULFATE ION' 'O4 S -2'
#
# COMPACT_ATOMS: atom_id res chain seq x y z
N GLY A 2 -4.44 2.14 -19.30
CA GLY A 2 -3.43 3.04 -19.94
C GLY A 2 -3.10 2.59 -21.36
N SER A 3 -2.29 3.33 -22.09
CA SER A 3 -1.87 2.97 -23.46
C SER A 3 -0.66 3.78 -23.90
N LEU A 4 0.05 3.29 -24.90
CA LEU A 4 1.13 4.04 -25.59
C LEU A 4 0.53 5.29 -26.23
N THR A 5 1.28 6.39 -26.25
CA THR A 5 0.89 7.64 -26.95
C THR A 5 0.97 7.38 -28.46
N GLU A 6 0.48 8.31 -29.27
CA GLU A 6 0.50 8.29 -30.77
C GLU A 6 1.80 7.68 -31.33
N ASP A 7 2.96 8.20 -30.94
CA ASP A 7 4.28 7.83 -31.56
C ASP A 7 4.84 6.55 -30.91
N GLY A 8 4.15 5.97 -29.93
CA GLY A 8 4.59 4.70 -29.29
C GLY A 8 5.86 4.84 -28.47
N LEU A 9 6.27 6.08 -28.13
CA LEU A 9 7.54 6.36 -27.39
C LEU A 9 7.26 6.85 -25.97
N SER A 10 6.00 6.91 -25.55
CA SER A 10 5.65 7.19 -24.15
C SER A 10 4.31 6.51 -23.88
N TYR A 11 3.96 6.42 -22.62
CA TYR A 11 2.82 5.62 -22.12
C TYR A 11 2.09 6.51 -21.13
N LYS A 12 0.77 6.54 -21.22
CA LYS A 12 -0.09 7.34 -20.32
C LYS A 12 -1.03 6.40 -19.60
N GLU A 13 -1.27 6.68 -18.33
CA GLU A 13 -2.27 5.94 -17.55
C GLU A 13 -2.92 6.90 -16.60
N LYS A 14 -4.23 6.73 -16.40
CA LYS A 14 -5.02 7.45 -15.38
C LYS A 14 -5.17 6.58 -14.14
N PHE A 15 -5.18 7.21 -12.98
CA PHE A 15 -5.39 6.58 -11.66
C PHE A 15 -6.37 7.43 -10.87
N VAL A 16 -7.31 6.76 -10.21
CA VAL A 16 -8.23 7.41 -9.25
C VAL A 16 -7.61 7.19 -7.89
N VAL A 17 -7.25 8.26 -7.21
CA VAL A 17 -6.59 8.17 -5.88
C VAL A 17 -7.57 7.48 -4.92
N ARG A 18 -7.09 6.50 -4.17
CA ARG A 18 -7.94 5.61 -3.34
C ARG A 18 -7.92 6.12 -1.90
N SER A 19 -8.96 5.77 -1.14
CA SER A 19 -9.16 6.16 0.28
C SER A 19 -7.90 5.89 1.10
N TYR A 20 -7.30 4.71 0.93
CA TYR A 20 -6.16 4.26 1.76
C TYR A 20 -4.83 4.80 1.23
N GLU A 21 -4.84 5.53 0.11
CA GLU A 21 -3.62 6.05 -0.57
C GLU A 21 -3.28 7.44 -0.04
N VAL A 22 -4.16 8.03 0.77
CA VAL A 22 -4.04 9.44 1.21
C VAL A 22 -3.65 9.46 2.70
N GLY A 23 -3.07 10.57 3.16
CA GLY A 23 -2.72 10.81 4.57
C GLY A 23 -3.60 11.92 5.16
N SER A 24 -3.05 12.65 6.13
CA SER A 24 -3.78 13.63 6.98
C SER A 24 -4.58 14.61 6.12
N ASN A 25 -3.99 15.12 5.03
CA ASN A 25 -4.58 16.22 4.23
C ASN A 25 -5.65 15.68 3.27
N LYS A 26 -6.01 14.40 3.37
CA LYS A 26 -6.85 13.69 2.36
C LYS A 26 -6.20 13.85 0.99
N THR A 27 -4.86 13.96 0.88
CA THR A 27 -4.15 13.93 -0.42
C THR A 27 -3.18 12.75 -0.45
N ALA A 28 -2.91 12.27 -1.66
CA ALA A 28 -2.05 11.09 -1.91
C ALA A 28 -0.73 11.28 -1.16
N THR A 29 -0.23 10.25 -0.49
CA THR A 29 1.12 10.27 0.14
C THR A 29 2.15 10.24 -0.99
N VAL A 30 3.38 10.64 -0.71
CA VAL A 30 4.48 10.51 -1.70
C VAL A 30 4.73 9.01 -1.96
N GLU A 31 4.49 8.11 -1.01
CA GLU A 31 4.64 6.64 -1.21
C GLU A 31 3.63 6.17 -2.27
N THR A 32 2.39 6.64 -2.19
CA THR A 32 1.37 6.33 -3.23
C THR A 32 1.91 6.81 -4.57
N ILE A 33 2.36 8.06 -4.65
CA ILE A 33 2.83 8.63 -5.95
C ILE A 33 3.95 7.72 -6.48
N ALA A 34 4.93 7.37 -5.65
CA ALA A 34 6.06 6.50 -6.08
C ALA A 34 5.52 5.16 -6.58
N ASN A 35 4.51 4.59 -5.90
CA ASN A 35 3.90 3.32 -6.32
C ASN A 35 3.25 3.54 -7.70
N LEU A 36 2.51 4.62 -7.88
CA LEU A 36 1.82 4.82 -9.19
C LEU A 36 2.86 4.99 -10.31
N LEU A 37 3.95 5.70 -10.04
CA LEU A 37 5.08 5.89 -11.01
C LEU A 37 5.61 4.52 -11.42
N GLN A 38 5.82 3.62 -10.46
CA GLN A 38 6.38 2.29 -10.76
C GLN A 38 5.37 1.52 -11.61
N GLU A 39 4.08 1.62 -11.24
CA GLU A 39 3.00 0.86 -11.91
C GLU A 39 2.97 1.28 -13.38
N VAL A 40 2.97 2.58 -13.65
CA VAL A 40 2.86 3.06 -15.06
C VAL A 40 4.13 2.66 -15.82
N GLY A 41 5.29 2.69 -15.15
CA GLY A 41 6.55 2.16 -15.73
C GLY A 41 6.47 0.68 -16.08
N CYS A 42 5.98 -0.14 -15.15
CA CYS A 42 5.77 -1.60 -15.38
C CYS A 42 4.78 -1.80 -16.54
N ASN A 43 3.68 -1.03 -16.59
CA ASN A 43 2.63 -1.19 -17.62
C ASN A 43 3.21 -0.79 -18.99
N HIS A 44 4.06 0.23 -19.05
CA HIS A 44 4.78 0.63 -20.27
C HIS A 44 5.57 -0.59 -20.74
N ALA A 45 6.41 -1.17 -19.88
CA ALA A 45 7.25 -2.33 -20.21
C ALA A 45 6.40 -3.45 -20.82
N GLN A 46 5.28 -3.80 -20.17
CA GLN A 46 4.38 -4.90 -20.62
C GLN A 46 3.74 -4.54 -21.95
N SER A 47 3.37 -3.28 -22.16
CA SER A 47 2.76 -2.82 -23.45
C SER A 47 3.73 -3.03 -24.63
N VAL A 48 5.05 -2.93 -24.45
CA VAL A 48 5.99 -3.13 -25.59
C VAL A 48 6.58 -4.54 -25.57
N GLY A 49 6.08 -5.44 -24.69
CA GLY A 49 6.33 -6.89 -24.78
C GLY A 49 7.39 -7.44 -23.84
N PHE A 50 7.85 -6.71 -22.83
CA PHE A 50 8.85 -7.24 -21.87
C PHE A 50 8.11 -8.18 -20.92
N SER A 51 8.75 -9.25 -20.47
CA SER A 51 8.13 -10.27 -19.56
C SER A 51 7.97 -9.72 -18.14
N THR A 52 7.07 -10.32 -17.38
CA THR A 52 6.70 -9.91 -16.00
C THR A 52 7.74 -10.42 -14.98
N ASP A 53 8.70 -11.23 -15.40
CA ASP A 53 9.62 -11.97 -14.48
C ASP A 53 10.60 -11.00 -13.81
N GLY A 54 10.83 -9.82 -14.39
CA GLY A 54 11.61 -8.74 -13.76
C GLY A 54 11.14 -7.36 -14.23
N PHE A 55 11.94 -6.32 -13.94
CA PHE A 55 11.78 -4.96 -14.50
C PHE A 55 12.44 -4.86 -15.88
N ALA A 56 11.70 -5.17 -16.94
CA ALA A 56 12.13 -4.98 -18.35
C ALA A 56 13.51 -5.62 -18.54
N THR A 57 13.61 -6.86 -18.06
CA THR A 57 14.76 -7.73 -18.33
C THR A 57 14.69 -8.09 -19.81
N THR A 58 15.70 -7.73 -20.59
CA THR A 58 15.76 -8.10 -22.04
C THR A 58 16.21 -9.56 -22.15
N THR A 59 15.96 -10.20 -23.29
CA THR A 59 16.37 -11.61 -23.54
C THR A 59 17.82 -11.82 -23.12
N THR A 60 18.76 -11.05 -23.68
CA THR A 60 20.21 -11.16 -23.39
C THR A 60 20.47 -10.89 -21.91
N MET A 61 19.80 -9.93 -21.28
CA MET A 61 20.00 -9.69 -19.83
C MET A 61 19.67 -10.99 -19.07
N ARG A 62 18.58 -11.67 -19.43
CA ARG A 62 18.14 -12.95 -18.79
C ARG A 62 19.25 -14.00 -18.95
N LYS A 63 19.78 -14.19 -20.16
CA LYS A 63 20.83 -15.22 -20.41
C LYS A 63 22.10 -14.90 -19.59
N LEU A 64 22.44 -13.62 -19.41
CA LEU A 64 23.68 -13.17 -18.73
C LEU A 64 23.42 -12.92 -17.24
N HIS A 65 22.20 -13.15 -16.72
CA HIS A 65 21.88 -12.98 -15.28
C HIS A 65 22.02 -11.50 -14.88
N LEU A 66 21.51 -10.60 -15.73
CA LEU A 66 21.56 -9.14 -15.47
C LEU A 66 20.15 -8.63 -15.16
N ILE A 67 20.08 -7.67 -14.26
CA ILE A 67 18.81 -6.99 -13.87
C ILE A 67 19.06 -5.50 -13.81
N TRP A 68 18.00 -4.73 -14.04
CA TRP A 68 17.98 -3.26 -13.81
C TRP A 68 17.76 -3.03 -12.33
N VAL A 69 18.55 -2.16 -11.72
CA VAL A 69 18.30 -1.70 -10.32
C VAL A 69 18.38 -0.16 -10.29
N THR A 70 17.63 0.46 -9.37
CA THR A 70 17.57 1.94 -9.23
C THR A 70 18.88 2.41 -8.64
N ALA A 71 19.53 3.41 -9.27
CA ALA A 71 20.67 4.15 -8.71
C ALA A 71 20.13 5.38 -7.98
N ARG A 72 19.11 6.03 -8.55
CA ARG A 72 18.67 7.37 -8.09
C ARG A 72 17.21 7.63 -8.47
N MET A 73 16.46 8.27 -7.58
CA MET A 73 15.07 8.66 -7.79
C MET A 73 14.96 10.13 -7.40
N HIS A 74 14.32 10.96 -8.24
CA HIS A 74 14.11 12.40 -7.99
C HIS A 74 12.65 12.71 -8.30
N ILE A 75 11.89 13.11 -7.29
CA ILE A 75 10.45 13.44 -7.43
C ILE A 75 10.21 14.85 -6.94
N GLU A 76 9.47 15.63 -7.72
CA GLU A 76 8.99 16.97 -7.30
CA GLU A 76 8.98 16.97 -7.31
C GLU A 76 7.47 17.01 -7.46
N ILE A 77 6.76 17.34 -6.39
CA ILE A 77 5.28 17.43 -6.40
C ILE A 77 4.90 18.89 -6.13
N TYR A 78 4.15 19.49 -7.05
CA TYR A 78 3.59 20.87 -6.90
C TYR A 78 2.27 20.79 -6.16
N LYS A 79 1.43 19.79 -6.45
CA LYS A 79 0.10 19.60 -5.79
C LYS A 79 -0.14 18.11 -5.65
N TYR A 80 -0.39 17.61 -4.45
CA TYR A 80 -0.79 16.19 -4.24
C TYR A 80 -2.27 16.08 -4.53
N PRO A 81 -2.68 15.06 -5.32
CA PRO A 81 -4.07 14.97 -5.73
C PRO A 81 -4.85 14.40 -4.55
N ALA A 82 -6.11 14.79 -4.43
CA ALA A 82 -7.02 14.35 -3.34
C ALA A 82 -7.59 12.97 -3.62
N TRP A 83 -8.09 12.34 -2.56
CA TRP A 83 -8.92 11.11 -2.65
C TRP A 83 -10.05 11.34 -3.69
N GLY A 84 -10.15 10.46 -4.67
CA GLY A 84 -11.19 10.52 -5.72
C GLY A 84 -10.76 11.35 -6.92
N ASP A 85 -9.64 12.07 -6.84
CA ASP A 85 -9.12 12.83 -8.02
C ASP A 85 -8.53 11.84 -9.02
N VAL A 86 -8.56 12.20 -10.29
CA VAL A 86 -7.97 11.45 -11.41
C VAL A 86 -6.65 12.12 -11.75
N VAL A 87 -5.55 11.39 -11.64
CA VAL A 87 -4.21 11.86 -12.06
C VAL A 87 -3.87 11.08 -13.33
N GLU A 88 -3.25 11.77 -14.27
CA GLU A 88 -2.75 11.16 -15.52
C GLU A 88 -1.22 11.26 -15.49
N ILE A 89 -0.57 10.11 -15.67
CA ILE A 89 0.90 10.00 -15.64
C ILE A 89 1.36 9.55 -17.01
N GLU A 90 2.25 10.35 -17.60
CA GLU A 90 2.96 10.02 -18.85
C GLU A 90 4.37 9.63 -18.46
N THR A 91 4.88 8.57 -19.06
CA THR A 91 6.21 8.05 -18.70
C THR A 91 6.93 7.66 -19.99
N TRP A 92 8.24 7.79 -19.98
CA TRP A 92 9.11 7.31 -21.07
C TRP A 92 10.47 6.93 -20.50
N CYS A 93 11.23 6.18 -21.26
CA CYS A 93 12.56 5.68 -20.88
C CYS A 93 13.55 6.13 -21.96
N GLN A 94 14.73 6.53 -21.51
CA GLN A 94 15.80 6.97 -22.43
CA GLN A 94 15.81 6.98 -22.42
C GLN A 94 17.10 6.23 -22.10
N SER A 95 17.81 5.82 -23.15
CA SER A 95 19.13 5.18 -23.05
C SER A 95 20.12 6.22 -22.53
N GLU A 96 21.02 5.88 -21.60
CA GLU A 96 22.10 6.82 -21.16
C GLU A 96 23.43 6.16 -21.52
N GLY A 97 23.64 5.90 -22.83
CA GLY A 97 24.88 5.29 -23.33
C GLY A 97 25.14 3.96 -22.61
N ARG A 98 26.35 3.75 -22.11
CA ARG A 98 26.73 2.49 -21.42
C ARG A 98 26.38 2.53 -19.92
N ILE A 99 25.98 3.66 -19.37
CA ILE A 99 25.77 3.82 -17.90
C ILE A 99 24.48 3.09 -17.51
N GLY A 100 23.39 3.28 -18.24
CA GLY A 100 22.11 2.62 -17.88
C GLY A 100 20.95 3.25 -18.60
N THR A 101 19.78 3.24 -17.97
CA THR A 101 18.56 3.84 -18.55
C THR A 101 18.05 4.89 -17.55
N ARG A 102 17.21 5.78 -18.05
CA ARG A 102 16.57 6.85 -17.26
C ARG A 102 15.10 6.76 -17.58
N ARG A 103 14.26 6.61 -16.56
CA ARG A 103 12.79 6.70 -16.76
C ARG A 103 12.32 7.99 -16.12
N ASP A 104 11.53 8.73 -16.89
CA ASP A 104 10.93 10.03 -16.49
C ASP A 104 9.42 9.90 -16.45
N TRP A 105 8.80 10.77 -15.66
CA TRP A 105 7.33 10.86 -15.50
C TRP A 105 6.90 12.34 -15.44
N ILE A 106 5.74 12.63 -16.05
CA ILE A 106 4.97 13.89 -15.80
C ILE A 106 3.63 13.50 -15.19
N LEU A 107 3.25 14.12 -14.08
CA LEU A 107 1.93 13.95 -13.44
C LEU A 107 1.09 15.19 -13.76
N LYS A 108 -0.16 14.95 -14.18
CA LYS A 108 -1.17 15.99 -14.46
C LYS A 108 -2.46 15.72 -13.71
N ASP A 109 -3.10 16.79 -13.28
CA ASP A 109 -4.52 16.80 -12.85
C ASP A 109 -5.35 16.53 -14.09
N SER A 110 -6.01 15.40 -14.18
CA SER A 110 -6.72 14.97 -15.41
C SER A 110 -7.88 15.92 -15.71
N VAL A 111 -8.45 16.58 -14.71
CA VAL A 111 -9.62 17.50 -14.89
C VAL A 111 -9.12 18.83 -15.44
N THR A 112 -7.96 19.32 -14.99
CA THR A 112 -7.48 20.68 -15.33
C THR A 112 -6.40 20.63 -16.40
N GLY A 113 -5.71 19.51 -16.56
CA GLY A 113 -4.57 19.40 -17.48
C GLY A 113 -3.32 20.07 -16.93
N GLU A 114 -3.35 20.59 -15.72
CA GLU A 114 -2.15 21.24 -15.12
C GLU A 114 -1.15 20.16 -14.71
N VAL A 115 0.15 20.42 -14.87
CA VAL A 115 1.26 19.56 -14.35
C VAL A 115 1.27 19.68 -12.82
N THR A 116 1.10 18.57 -12.11
CA THR A 116 1.09 18.57 -10.62
C THR A 116 2.39 17.96 -10.09
N GLY A 117 3.18 17.31 -10.93
CA GLY A 117 4.49 16.79 -10.49
C GLY A 117 5.32 16.25 -11.64
N ARG A 118 6.57 15.91 -11.32
CA ARG A 118 7.56 15.42 -12.29
C ARG A 118 8.49 14.46 -11.54
N ALA A 119 9.00 13.46 -12.23
CA ALA A 119 9.96 12.51 -11.62
C ALA A 119 10.98 12.06 -12.65
N THR A 120 12.16 11.69 -12.17
CA THR A 120 13.22 11.10 -13.00
C THR A 120 13.95 10.04 -12.17
N SER A 121 14.31 8.95 -12.81
CA SER A 121 15.01 7.87 -12.12
C SER A 121 16.12 7.36 -13.02
N LYS A 122 17.26 7.06 -12.41
CA LYS A 122 18.43 6.48 -13.07
C LYS A 122 18.52 5.01 -12.64
N TRP A 123 18.58 4.11 -13.61
CA TRP A 123 18.65 2.66 -13.42
C TRP A 123 19.95 2.17 -14.06
N VAL A 124 20.62 1.24 -13.38
CA VAL A 124 21.93 0.72 -13.83
C VAL A 124 21.77 -0.79 -13.97
N MET A 125 22.69 -1.42 -14.67
CA MET A 125 22.61 -2.87 -14.84
C MET A 125 23.53 -3.52 -13.80
N MET A 126 23.04 -4.57 -13.18
CA MET A 126 23.77 -5.29 -12.13
C MET A 126 23.66 -6.78 -12.44
N ASN A 127 24.73 -7.51 -12.16
CA ASN A 127 24.68 -8.99 -12.14
C ASN A 127 23.87 -9.38 -10.89
N GLN A 128 22.78 -10.10 -11.09
CA GLN A 128 21.83 -10.48 -10.01
C GLN A 128 22.55 -11.37 -8.98
N ASP A 129 23.61 -12.06 -9.37
CA ASP A 129 24.30 -13.09 -8.56
C ASP A 129 25.38 -12.41 -7.72
N THR A 130 26.25 -11.60 -8.35
CA THR A 130 27.42 -10.95 -7.70
C THR A 130 27.04 -9.58 -7.13
N ARG A 131 25.92 -9.00 -7.57
CA ARG A 131 25.50 -7.62 -7.21
C ARG A 131 26.53 -6.61 -7.73
N ARG A 132 27.40 -6.96 -8.67
CA ARG A 132 28.39 -6.03 -9.28
C ARG A 132 27.72 -5.27 -10.45
N LEU A 133 27.99 -3.97 -10.57
CA LEU A 133 27.44 -3.09 -11.63
C LEU A 133 28.22 -3.33 -12.91
N GLN A 134 27.60 -3.14 -14.05
CA GLN A 134 28.33 -3.22 -15.33
C GLN A 134 27.64 -2.37 -16.40
N LYS A 135 28.45 -2.02 -17.36
CA LYS A 135 28.12 -1.16 -18.51
C LYS A 135 27.11 -1.90 -19.36
N VAL A 136 26.19 -1.14 -19.96
CA VAL A 136 25.23 -1.69 -20.96
C VAL A 136 26.00 -2.03 -22.23
N SER A 137 25.97 -3.31 -22.63
CA SER A 137 26.60 -3.79 -23.88
C SER A 137 25.72 -3.42 -25.09
N ASP A 138 26.29 -3.48 -26.28
CA ASP A 138 25.57 -3.25 -27.56
C ASP A 138 24.41 -4.24 -27.64
N ASP A 139 24.66 -5.51 -27.32
CA ASP A 139 23.65 -6.60 -27.46
C ASP A 139 22.38 -6.27 -26.65
N VAL A 140 22.53 -5.70 -25.43
CA VAL A 140 21.38 -5.40 -24.53
C VAL A 140 20.65 -4.16 -25.06
N ARG A 141 21.42 -3.13 -25.42
CA ARG A 141 20.87 -1.86 -25.93
C ARG A 141 20.02 -2.14 -27.17
N ASP A 142 20.50 -3.01 -28.06
CA ASP A 142 19.80 -3.41 -29.30
C ASP A 142 18.37 -3.89 -28.98
N GLU A 143 18.17 -4.47 -27.79
CA GLU A 143 16.87 -5.12 -27.45
C GLU A 143 15.90 -4.10 -26.88
N TYR A 144 16.30 -2.85 -26.61
CA TYR A 144 15.29 -1.89 -26.08
C TYR A 144 15.32 -0.51 -26.76
N LEU A 145 16.36 -0.16 -27.52
CA LEU A 145 16.54 1.24 -27.96
C LEU A 145 15.34 1.71 -28.80
N VAL A 146 14.71 0.82 -29.57
CA VAL A 146 13.60 1.22 -30.48
C VAL A 146 12.37 1.68 -29.67
N PHE A 147 12.30 1.39 -28.36
CA PHE A 147 11.17 1.76 -27.48
C PHE A 147 11.42 3.13 -26.83
N CYS A 148 12.61 3.70 -27.06
CA CYS A 148 13.08 4.95 -26.39
C CYS A 148 13.10 6.11 -27.38
N PRO A 149 12.61 7.31 -26.98
CA PRO A 149 12.85 8.53 -27.76
C PRO A 149 14.37 8.70 -27.82
N GLN A 150 14.93 9.10 -28.95
CA GLN A 150 16.41 9.12 -29.08
C GLN A 150 16.95 10.55 -29.05
N GLU A 151 16.09 11.53 -29.23
CA GLU A 151 16.43 12.93 -28.89
C GLU A 151 16.11 13.16 -27.42
N PRO A 152 16.89 14.01 -26.73
CA PRO A 152 16.70 14.23 -25.30
C PRO A 152 15.24 14.60 -24.96
N ARG A 153 14.67 13.94 -23.97
CA ARG A 153 13.37 14.34 -23.41
C ARG A 153 13.47 14.21 -21.89
N LEU A 154 13.58 15.35 -21.19
CA LEU A 154 13.85 15.38 -19.73
C LEU A 154 12.60 15.90 -19.04
N ALA A 155 12.12 15.20 -18.03
CA ALA A 155 11.12 15.72 -17.08
C ALA A 155 11.68 16.99 -16.39
N PHE A 156 12.98 17.08 -16.14
CA PHE A 156 13.61 18.20 -15.39
C PHE A 156 14.47 19.08 -16.31
N ILE A 167 25.29 14.05 -3.44
CA ILE A 167 24.65 14.01 -2.09
C ILE A 167 25.67 13.53 -1.06
N PRO A 168 25.99 14.38 -0.06
CA PRO A 168 26.96 14.02 0.97
C PRO A 168 26.42 13.00 2.00
N LYS A 169 27.34 12.40 2.75
CA LYS A 169 27.04 11.39 3.78
C LYS A 169 26.75 12.11 5.10
N LEU A 170 25.57 11.87 5.67
CA LEU A 170 25.16 12.48 6.96
C LEU A 170 26.26 12.19 7.98
N GLU A 171 26.70 13.18 8.77
CA GLU A 171 27.76 12.96 9.79
C GLU A 171 27.11 12.71 11.16
N ASP A 172 27.71 11.84 11.98
CA ASP A 172 27.29 11.68 13.39
C ASP A 172 27.62 12.95 14.17
N PRO A 173 26.79 13.36 15.16
CA PRO A 173 25.50 12.71 15.45
C PRO A 173 24.41 13.20 14.49
N ALA A 174 23.48 12.31 14.12
CA ALA A 174 22.25 12.71 13.40
C ALA A 174 21.43 13.62 14.32
N GLN A 175 20.69 14.59 13.76
CA GLN A 175 19.78 15.44 14.56
C GLN A 175 18.57 14.59 15.01
N TYR A 176 18.11 13.69 14.14
CA TYR A 176 16.87 12.91 14.35
C TYR A 176 17.09 11.48 13.87
N SER A 177 16.37 10.53 14.46
CA SER A 177 16.50 9.12 14.05
C SER A 177 15.19 8.38 14.31
N MET A 178 14.97 7.37 13.50
CA MET A 178 13.98 6.30 13.70
C MET A 178 14.75 4.99 13.51
N ILE A 179 14.94 4.18 14.55
CA ILE A 179 15.79 2.95 14.47
C ILE A 179 14.92 1.69 14.47
N GLY A 180 15.50 0.57 14.06
CA GLY A 180 14.93 -0.78 14.14
C GLY A 180 13.82 -0.98 13.12
N LEU A 181 13.87 -0.26 12.00
CA LEU A 181 12.85 -0.37 10.92
C LEU A 181 13.05 -1.69 10.19
N LYS A 182 11.95 -2.44 10.03
CA LYS A 182 11.98 -3.83 9.53
C LYS A 182 11.00 -3.93 8.37
N PRO A 183 11.39 -4.58 7.26
CA PRO A 183 10.49 -4.93 6.18
C PRO A 183 9.40 -5.88 6.70
N ARG A 184 8.17 -5.66 6.26
CA ARG A 184 7.04 -6.58 6.44
C ARG A 184 6.89 -7.35 5.12
N ARG A 185 6.12 -8.45 5.14
CA ARG A 185 5.97 -9.29 3.91
C ARG A 185 5.32 -8.45 2.81
N ALA A 186 4.44 -7.50 3.15
CA ALA A 186 3.77 -6.58 2.18
C ALA A 186 4.79 -5.66 1.49
N ASP A 187 5.99 -5.46 2.05
CA ASP A 187 7.05 -4.59 1.46
C ASP A 187 7.84 -5.34 0.38
N LEU A 188 7.65 -6.67 0.27
CA LEU A 188 8.42 -7.53 -0.67
C LEU A 188 7.66 -7.57 -2.00
N ASP A 189 8.38 -7.48 -3.12
CA ASP A 189 7.76 -7.58 -4.47
C ASP A 189 7.56 -9.05 -4.81
N MET A 190 7.10 -9.35 -6.02
CA MET A 190 6.92 -10.72 -6.52
C MET A 190 8.21 -11.54 -6.38
N ASN A 191 9.39 -10.91 -6.49
CA ASN A 191 10.73 -11.57 -6.45
C ASN A 191 11.28 -11.67 -5.01
N GLN A 192 10.51 -11.26 -4.01
CA GLN A 192 10.88 -11.25 -2.56
C GLN A 192 12.01 -10.24 -2.29
N HIS A 193 12.17 -9.24 -3.16
CA HIS A 193 13.05 -8.06 -2.94
C HIS A 193 12.24 -6.90 -2.32
N VAL A 194 12.82 -6.16 -1.37
CA VAL A 194 12.18 -4.96 -0.76
C VAL A 194 11.81 -3.96 -1.87
N ASN A 195 10.54 -3.58 -1.95
CA ASN A 195 10.04 -2.58 -2.94
C ASN A 195 10.82 -1.27 -2.77
N ASN A 196 11.25 -0.68 -3.88
CA ASN A 196 11.98 0.62 -3.95
C ASN A 196 11.24 1.71 -3.14
N VAL A 197 9.91 1.62 -3.04
CA VAL A 197 9.07 2.66 -2.37
C VAL A 197 9.21 2.57 -0.86
N THR A 198 9.44 1.38 -0.30
CA THR A 198 9.69 1.20 1.15
C THR A 198 10.80 2.15 1.61
N TYR A 199 11.86 2.32 0.82
CA TYR A 199 13.04 3.14 1.22
C TYR A 199 12.60 4.58 1.42
N ILE A 200 11.74 5.09 0.53
CA ILE A 200 11.14 6.44 0.66
C ILE A 200 10.44 6.54 2.02
N GLY A 201 9.53 5.60 2.34
CA GLY A 201 8.81 5.62 3.62
C GLY A 201 9.80 5.67 4.79
N TRP A 202 10.82 4.83 4.75
CA TRP A 202 11.85 4.74 5.82
C TRP A 202 12.61 6.06 6.00
N VAL A 203 13.08 6.67 4.91
CA VAL A 203 13.72 8.02 4.96
C VAL A 203 12.82 8.97 5.74
N LEU A 204 11.53 9.02 5.38
CA LEU A 204 10.61 10.06 5.92
C LEU A 204 10.31 9.80 7.39
N GLU A 205 10.42 8.55 7.86
CA GLU A 205 10.08 8.17 9.25
C GLU A 205 10.88 9.02 10.25
N SER A 206 12.09 9.46 9.92
CA SER A 206 12.94 10.21 10.86
C SER A 206 12.73 11.73 10.74
N ILE A 207 11.83 12.22 9.88
CA ILE A 207 11.39 13.65 9.93
C ILE A 207 10.44 13.85 11.09
N PRO A 208 10.61 14.89 11.94
CA PRO A 208 9.68 15.14 13.05
C PRO A 208 8.22 15.28 12.58
N GLN A 209 7.30 14.67 13.32
CA GLN A 209 5.84 14.74 13.06
C GLN A 209 5.41 16.20 12.92
N GLU A 210 6.00 17.13 13.68
CA GLU A 210 5.56 18.55 13.69
C GLU A 210 5.81 19.14 12.30
N ILE A 211 6.87 18.72 11.62
CA ILE A 211 7.17 19.15 10.21
C ILE A 211 6.13 18.53 9.28
N VAL A 212 5.95 17.21 9.34
CA VAL A 212 4.98 16.46 8.48
C VAL A 212 3.57 17.05 8.68
N ASP A 213 3.21 17.45 9.90
CA ASP A 213 1.84 17.94 10.20
C ASP A 213 1.61 19.32 9.59
N THR A 214 2.67 20.11 9.39
CA THR A 214 2.57 21.54 9.01
C THR A 214 3.18 21.81 7.64
N HIS A 215 3.87 20.83 7.03
CA HIS A 215 4.55 20.99 5.72
C HIS A 215 4.06 19.92 4.72
N GLU A 216 4.31 20.18 3.45
CA GLU A 216 4.16 19.18 2.35
C GLU A 216 5.55 18.94 1.78
N LEU A 217 5.86 17.69 1.44
CA LEU A 217 7.11 17.34 0.73
C LEU A 217 7.03 17.87 -0.68
N GLN A 218 7.98 18.71 -1.07
CA GLN A 218 8.03 19.29 -2.43
C GLN A 218 9.04 18.53 -3.28
N VAL A 219 10.20 18.19 -2.73
CA VAL A 219 11.27 17.52 -3.51
C VAL A 219 11.89 16.41 -2.66
N ILE A 220 12.13 15.26 -3.27
CA ILE A 220 12.92 14.16 -2.64
C ILE A 220 13.87 13.65 -3.70
N THR A 221 15.13 13.48 -3.31
CA THR A 221 16.19 12.85 -4.14
C THR A 221 16.75 11.71 -3.30
N LEU A 222 16.76 10.49 -3.83
CA LEU A 222 17.30 9.31 -3.11
C LEU A 222 18.40 8.68 -3.97
N ASP A 223 19.57 8.42 -3.39
CA ASP A 223 20.65 7.60 -3.97
C ASP A 223 20.54 6.19 -3.37
N TYR A 224 20.45 5.17 -4.19
CA TYR A 224 20.36 3.76 -3.75
C TYR A 224 21.78 3.17 -3.79
N ARG A 225 22.28 2.72 -2.64
CA ARG A 225 23.66 2.19 -2.48
C ARG A 225 23.61 0.66 -2.52
N ARG A 226 22.61 0.03 -1.88
CA ARG A 226 22.61 -1.41 -1.57
C ARG A 226 21.19 -1.81 -1.17
N GLU A 227 20.79 -3.05 -1.48
CA GLU A 227 19.44 -3.57 -1.15
C GLU A 227 19.36 -3.83 0.37
N CYS A 228 18.18 -3.62 0.95
CA CYS A 228 17.79 -4.19 2.26
C CYS A 228 17.16 -5.57 1.99
N GLN A 229 17.67 -6.62 2.63
CA GLN A 229 17.15 -8.01 2.47
C GLN A 229 15.99 -8.18 3.44
N GLN A 230 15.19 -9.24 3.25
CA GLN A 230 13.98 -9.53 4.04
C GLN A 230 14.27 -9.57 5.56
N ASP A 231 15.45 -10.02 5.97
CA ASP A 231 15.78 -10.22 7.41
C ASP A 231 16.68 -9.09 7.93
N ASP A 232 16.87 -8.00 7.16
CA ASP A 232 17.71 -6.85 7.58
C ASP A 232 16.90 -5.91 8.45
N VAL A 233 17.60 -5.10 9.24
CA VAL A 233 17.01 -4.07 10.13
C VAL A 233 17.70 -2.76 9.77
N VAL A 234 16.95 -1.66 9.69
CA VAL A 234 17.44 -0.37 9.10
C VAL A 234 17.24 0.74 10.12
N ASP A 235 18.20 1.67 10.15
CA ASP A 235 18.10 2.91 10.92
C ASP A 235 17.92 4.06 9.94
N SER A 236 16.98 4.96 10.22
CA SER A 236 16.71 6.17 9.41
C SER A 236 17.20 7.39 10.17
N LEU A 237 18.15 8.11 9.59
CA LEU A 237 18.86 9.25 10.21
C LEU A 237 18.58 10.50 9.38
N THR A 238 18.29 11.62 10.05
CA THR A 238 17.91 12.91 9.42
C THR A 238 18.63 14.07 10.15
N THR A 239 19.19 15.01 9.39
CA THR A 239 19.68 16.31 9.92
C THR A 239 19.16 17.46 9.04
N THR A 240 18.64 18.52 9.65
CA THR A 240 18.21 19.77 8.98
C THR A 240 19.46 20.37 8.29
N THR A 241 19.35 20.90 7.06
CA THR A 241 20.49 21.54 6.34
C THR A 241 20.22 23.02 6.06
N ASP A 260 10.26 27.12 3.81
CA ASP A 260 10.84 25.84 3.34
C ASP A 260 11.89 25.32 4.33
N SER A 261 11.85 24.01 4.61
CA SER A 261 12.88 23.29 5.39
C SER A 261 13.52 22.24 4.48
N GLN A 262 14.81 22.04 4.64
CA GLN A 262 15.59 21.07 3.84
C GLN A 262 16.28 20.11 4.82
N PHE A 263 16.36 18.83 4.46
CA PHE A 263 16.98 17.78 5.30
C PHE A 263 17.94 16.93 4.47
N LEU A 264 18.93 16.38 5.16
CA LEU A 264 19.84 15.34 4.66
C LEU A 264 19.45 14.04 5.34
N HIS A 265 19.54 12.92 4.61
CA HIS A 265 18.99 11.60 5.04
C HIS A 265 20.06 10.54 4.83
N LEU A 266 20.11 9.57 5.74
CA LEU A 266 20.93 8.36 5.59
C LEU A 266 20.13 7.17 6.14
N LEU A 267 20.00 6.13 5.33
CA LEU A 267 19.49 4.81 5.77
C LEU A 267 20.71 3.92 5.85
N ARG A 268 20.94 3.28 6.98
CA ARG A 268 22.03 2.29 7.09
C ARG A 268 21.53 1.09 7.88
N LEU A 269 22.19 -0.04 7.66
CA LEU A 269 21.84 -1.29 8.35
C LEU A 269 22.09 -1.09 9.86
N SER A 270 21.19 -1.62 10.69
CA SER A 270 21.31 -1.76 12.16
C SER A 270 22.73 -2.21 12.54
N GLY A 271 23.28 -1.63 13.60
CA GLY A 271 24.63 -1.98 14.09
C GLY A 271 25.73 -1.22 13.36
N ASP A 272 25.51 0.03 12.92
CA ASP A 272 26.48 0.82 12.10
C ASP A 272 26.88 0.00 10.86
N GLY A 273 25.90 -0.65 10.27
CA GLY A 273 26.13 -1.53 9.11
C GLY A 273 26.32 -0.69 7.86
N GLN A 274 26.23 -1.33 6.71
CA GLN A 274 26.46 -0.63 5.43
C GLN A 274 25.34 0.39 5.21
N GLU A 275 25.74 1.50 4.62
CA GLU A 275 24.82 2.47 4.01
C GLU A 275 23.98 1.73 2.96
N ILE A 276 22.66 1.93 3.00
CA ILE A 276 21.74 1.42 1.95
C ILE A 276 21.27 2.60 1.06
N ASN A 277 20.95 3.76 1.63
CA ASN A 277 20.45 4.94 0.86
C ASN A 277 20.99 6.24 1.46
N ARG A 278 21.17 7.26 0.64
CA ARG A 278 21.27 8.65 1.14
C ARG A 278 20.30 9.50 0.34
N GLY A 279 19.89 10.62 0.89
CA GLY A 279 18.85 11.44 0.25
C GLY A 279 18.75 12.83 0.85
N THR A 280 18.00 13.69 0.16
CA THR A 280 17.63 15.04 0.60
C THR A 280 16.14 15.21 0.38
N THR A 281 15.50 16.00 1.23
CA THR A 281 14.10 16.42 1.01
C THR A 281 14.00 17.92 1.22
N LEU A 282 13.09 18.54 0.49
CA LEU A 282 12.67 19.96 0.61
C LEU A 282 11.18 19.99 0.93
N TRP A 283 10.80 20.65 2.02
CA TRP A 283 9.40 20.75 2.52
C TRP A 283 8.94 22.20 2.46
N ARG A 284 7.70 22.44 2.02
CA ARG A 284 7.05 23.78 1.94
C ARG A 284 5.96 23.84 3.03
N LYS A 285 5.74 25.02 3.61
CA LYS A 285 4.65 25.27 4.61
C LYS A 285 3.30 24.95 3.98
N LYS A 286 2.40 24.33 4.75
CA LYS A 286 1.00 24.07 4.32
C LYS A 286 0.28 25.41 4.15
N PRO A 287 -0.68 25.48 3.21
CA PRO A 287 -1.44 26.72 2.96
C PRO A 287 -2.62 27.00 3.90
N GLY B 2 -16.47 2.74 -10.51
CA GLY B 2 -17.59 1.84 -10.00
C GLY B 2 -18.92 2.60 -9.97
N SER B 3 -20.02 1.97 -9.55
CA SER B 3 -21.34 2.63 -9.47
C SER B 3 -22.33 1.81 -8.62
N LEU B 4 -23.41 2.46 -8.19
CA LEU B 4 -24.57 1.80 -7.55
C LEU B 4 -25.19 0.83 -8.54
N THR B 5 -25.68 -0.32 -8.06
CA THR B 5 -26.34 -1.34 -8.90
C THR B 5 -27.72 -0.79 -9.28
N GLU B 6 -28.44 -1.51 -10.15
CA GLU B 6 -29.79 -1.13 -10.66
C GLU B 6 -30.72 -0.67 -9.53
N ASP B 7 -30.84 -1.41 -8.42
CA ASP B 7 -31.83 -1.07 -7.34
C ASP B 7 -31.26 -0.04 -6.36
N GLY B 8 -30.03 0.43 -6.58
CA GLY B 8 -29.44 1.48 -5.74
C GLY B 8 -29.07 1.00 -4.33
N LEU B 9 -29.10 -0.31 -4.05
CA LEU B 9 -28.89 -0.90 -2.69
C LEU B 9 -27.55 -1.64 -2.60
N SER B 10 -26.71 -1.63 -3.63
CA SER B 10 -25.35 -2.20 -3.59
C SER B 10 -24.48 -1.44 -4.59
N TYR B 11 -23.19 -1.68 -4.55
CA TYR B 11 -22.18 -0.90 -5.31
C TYR B 11 -21.21 -1.91 -5.89
N LYS B 12 -20.86 -1.74 -7.16
CA LYS B 12 -19.87 -2.62 -7.85
C LYS B 12 -18.70 -1.75 -8.31
N GLU B 13 -17.50 -2.28 -8.22
CA GLU B 13 -16.31 -1.61 -8.78
C GLU B 13 -15.37 -2.69 -9.31
N LYS B 14 -14.74 -2.42 -10.44
CA LYS B 14 -13.69 -3.27 -11.04
C LYS B 14 -12.33 -2.71 -10.67
N PHE B 15 -11.38 -3.61 -10.40
CA PHE B 15 -9.97 -3.25 -10.14
C PHE B 15 -9.07 -4.09 -11.02
N VAL B 16 -8.06 -3.43 -11.61
CA VAL B 16 -6.97 -4.13 -12.32
C VAL B 16 -5.84 -4.28 -11.31
N VAL B 17 -5.49 -5.52 -10.97
CA VAL B 17 -4.47 -5.79 -9.92
C VAL B 17 -3.13 -5.21 -10.39
N ARG B 18 -2.45 -4.46 -9.52
CA ARG B 18 -1.21 -3.71 -9.85
C ARG B 18 0.03 -4.54 -9.53
N SER B 19 1.14 -4.24 -10.20
CA SER B 19 2.46 -4.92 -10.06
C SER B 19 2.85 -5.03 -8.59
N TYR B 20 2.72 -3.92 -7.84
CA TYR B 20 3.21 -3.85 -6.45
C TYR B 20 2.19 -4.44 -5.47
N GLU B 21 1.01 -4.87 -5.94
CA GLU B 21 -0.10 -5.41 -5.08
C GLU B 21 0.04 -6.92 -4.93
N VAL B 22 0.99 -7.55 -5.63
CA VAL B 22 1.12 -9.04 -5.68
C VAL B 22 2.37 -9.46 -4.90
N GLY B 23 2.38 -10.71 -4.46
CA GLY B 23 3.51 -11.36 -3.77
C GLY B 23 4.15 -12.43 -4.64
N SER B 24 4.69 -13.47 -3.99
CA SER B 24 5.59 -14.49 -4.59
C SER B 24 4.97 -15.08 -5.86
N ASN B 25 3.68 -15.43 -5.82
CA ASN B 25 3.03 -16.21 -6.90
C ASN B 25 2.55 -15.27 -8.02
N LYS B 26 2.96 -14.00 -7.98
CA LYS B 26 2.39 -12.93 -8.84
C LYS B 26 0.88 -12.90 -8.70
N THR B 27 0.33 -13.20 -7.50
CA THR B 27 -1.10 -12.97 -7.21
C THR B 27 -1.27 -12.00 -6.03
N ALA B 28 -2.40 -11.30 -5.99
CA ALA B 28 -2.69 -10.22 -5.02
C ALA B 28 -2.49 -10.76 -3.63
N THR B 29 -1.91 -9.96 -2.75
CA THR B 29 -1.76 -10.29 -1.33
C THR B 29 -3.14 -10.17 -0.67
N VAL B 30 -3.31 -10.80 0.49
CA VAL B 30 -4.56 -10.64 1.29
C VAL B 30 -4.64 -9.18 1.74
N GLU B 31 -3.51 -8.50 1.97
CA GLU B 31 -3.50 -7.05 2.33
C GLU B 31 -4.10 -6.24 1.17
N THR B 32 -3.70 -6.53 -0.06
CA THR B 32 -4.30 -5.85 -1.25
C THR B 32 -5.80 -6.10 -1.25
N ILE B 33 -6.24 -7.34 -1.14
CA ILE B 33 -7.70 -7.65 -1.18
C ILE B 33 -8.41 -6.84 -0.08
N ALA B 34 -7.90 -6.85 1.15
CA ALA B 34 -8.55 -6.09 2.26
C ALA B 34 -8.58 -4.59 1.92
N ASN B 35 -7.50 -4.06 1.31
CA ASN B 35 -7.50 -2.65 0.88
C ASN B 35 -8.58 -2.43 -0.18
N LEU B 36 -8.69 -3.32 -1.16
CA LEU B 36 -9.71 -3.09 -2.22
C LEU B 36 -11.13 -3.12 -1.64
N LEU B 37 -11.36 -4.01 -0.66
CA LEU B 37 -12.66 -4.11 0.07
C LEU B 37 -12.97 -2.78 0.74
N GLN B 38 -11.96 -2.19 1.39
CA GLN B 38 -12.16 -0.91 2.10
C GLN B 38 -12.50 0.16 1.07
N GLU B 39 -11.76 0.18 -0.04
CA GLU B 39 -11.90 1.22 -1.08
C GLU B 39 -13.32 1.14 -1.64
N VAL B 40 -13.80 -0.06 -2.01
CA VAL B 40 -15.15 -0.15 -2.64
C VAL B 40 -16.22 0.22 -1.59
N GLY B 41 -15.99 -0.13 -0.31
CA GLY B 41 -16.84 0.34 0.80
C GLY B 41 -16.86 1.86 0.93
N CYS B 42 -15.67 2.48 0.90
CA CYS B 42 -15.55 3.96 0.97
C CYS B 42 -16.27 4.59 -0.23
N ASN B 43 -16.08 4.03 -1.44
CA ASN B 43 -16.67 4.60 -2.68
C ASN B 43 -18.21 4.47 -2.62
N HIS B 44 -18.73 3.36 -2.12
CA HIS B 44 -20.19 3.21 -1.86
C HIS B 44 -20.65 4.37 -0.96
N ALA B 45 -20.02 4.58 0.20
CA ALA B 45 -20.37 5.67 1.13
C ALA B 45 -20.46 6.98 0.38
N GLN B 46 -19.44 7.34 -0.41
CA GLN B 46 -19.37 8.64 -1.13
C GLN B 46 -20.50 8.68 -2.19
N SER B 47 -20.78 7.58 -2.88
CA SER B 47 -21.85 7.55 -3.91
C SER B 47 -23.24 7.83 -3.30
N VAL B 48 -23.51 7.48 -2.02
CA VAL B 48 -24.84 7.76 -1.39
C VAL B 48 -24.77 9.04 -0.56
N GLY B 49 -23.67 9.80 -0.61
CA GLY B 49 -23.63 11.21 -0.13
C GLY B 49 -22.87 11.45 1.15
N PHE B 50 -22.16 10.48 1.72
CA PHE B 50 -21.41 10.70 2.99
C PHE B 50 -20.12 11.45 2.66
N SER B 51 -19.68 12.36 3.51
CA SER B 51 -18.40 13.11 3.32
C SER B 51 -17.22 12.24 3.73
N THR B 52 -16.05 12.63 3.27
CA THR B 52 -14.74 11.97 3.44
C THR B 52 -14.17 12.19 4.85
N ASP B 53 -14.81 12.98 5.72
CA ASP B 53 -14.26 13.40 7.04
C ASP B 53 -14.18 12.20 8.00
N GLY B 54 -14.98 11.16 7.78
CA GLY B 54 -14.87 9.89 8.51
C GLY B 54 -15.32 8.73 7.64
N PHE B 55 -15.54 7.56 8.26
CA PHE B 55 -16.19 6.39 7.61
C PHE B 55 -17.70 6.50 7.83
N ALA B 56 -18.39 7.17 6.91
CA ALA B 56 -19.87 7.26 6.85
C ALA B 56 -20.40 7.75 8.19
N THR B 57 -19.79 8.79 8.75
CA THR B 57 -20.30 9.45 9.98
C THR B 57 -21.62 10.14 9.61
N THR B 58 -22.72 9.80 10.27
CA THR B 58 -24.04 10.46 10.05
C THR B 58 -24.05 11.78 10.84
N THR B 59 -24.94 12.70 10.47
CA THR B 59 -25.12 14.00 11.17
C THR B 59 -25.19 13.76 12.68
N THR B 60 -26.12 12.94 13.16
CA THR B 60 -26.30 12.68 14.62
C THR B 60 -25.03 12.06 15.22
N MET B 61 -24.35 11.16 14.50
CA MET B 61 -23.09 10.58 15.04
C MET B 61 -22.09 11.72 15.30
N ARG B 62 -21.99 12.69 14.37
CA ARG B 62 -21.11 13.88 14.49
C ARG B 62 -21.50 14.69 15.74
N LYS B 63 -22.78 14.99 15.94
CA LYS B 63 -23.30 15.71 17.15
C LYS B 63 -22.90 14.98 18.45
N LEU B 64 -22.92 13.64 18.46
CA LEU B 64 -22.66 12.83 19.69
C LEU B 64 -21.17 12.44 19.77
N HIS B 65 -20.34 12.83 18.79
CA HIS B 65 -18.87 12.55 18.76
C HIS B 65 -18.63 11.02 18.61
N LEU B 66 -19.39 10.37 17.72
CA LEU B 66 -19.29 8.91 17.49
C LEU B 66 -18.70 8.67 16.09
N ILE B 67 -17.95 7.59 15.93
CA ILE B 67 -17.44 7.10 14.61
C ILE B 67 -17.72 5.60 14.53
N TRP B 68 -17.79 5.08 13.31
CA TRP B 68 -17.83 3.62 13.03
C TRP B 68 -16.41 3.04 13.17
N VAL B 69 -16.27 1.96 13.93
CA VAL B 69 -15.00 1.20 14.01
C VAL B 69 -15.32 -0.28 13.76
N THR B 70 -14.36 -1.02 13.19
CA THR B 70 -14.51 -2.47 12.90
C THR B 70 -14.46 -3.23 14.22
N ALA B 71 -15.45 -4.07 14.50
CA ALA B 71 -15.48 -5.04 15.62
C ALA B 71 -14.94 -6.38 15.12
N ARG B 72 -15.25 -6.74 13.87
CA ARG B 72 -14.92 -8.08 13.34
C ARG B 72 -14.85 -8.04 11.81
N MET B 73 -13.86 -8.73 11.26
CA MET B 73 -13.66 -8.88 9.80
C MET B 73 -13.51 -10.38 9.52
N HIS B 74 -14.22 -10.89 8.52
CA HIS B 74 -14.14 -12.30 8.09
C HIS B 74 -13.99 -12.31 6.58
N ILE B 75 -12.85 -12.82 6.10
CA ILE B 75 -12.54 -12.89 4.65
C ILE B 75 -12.23 -14.32 4.29
N GLU B 76 -12.82 -14.78 3.19
N GLU B 76 -12.80 -14.78 3.18
CA GLU B 76 -12.51 -16.10 2.58
CA GLU B 76 -12.45 -16.10 2.61
C GLU B 76 -12.13 -15.86 1.12
C GLU B 76 -12.14 -15.89 1.13
N ILE B 77 -10.94 -16.32 0.72
CA ILE B 77 -10.46 -16.20 -0.69
C ILE B 77 -10.33 -17.62 -1.23
N TYR B 78 -11.02 -17.90 -2.32
CA TYR B 78 -10.92 -19.18 -3.08
C TYR B 78 -9.78 -19.08 -4.08
N LYS B 79 -9.61 -17.94 -4.73
CA LYS B 79 -8.57 -17.74 -5.79
C LYS B 79 -8.10 -16.29 -5.74
N TYR B 80 -6.83 -16.05 -5.52
CA TYR B 80 -6.23 -14.69 -5.54
C TYR B 80 -5.98 -14.30 -6.99
N PRO B 81 -6.41 -13.10 -7.42
CA PRO B 81 -6.30 -12.71 -8.81
C PRO B 81 -4.84 -12.35 -9.11
N ALA B 82 -4.40 -12.60 -10.33
CA ALA B 82 -3.03 -12.31 -10.77
C ALA B 82 -2.86 -10.84 -11.11
N TRP B 83 -1.61 -10.40 -11.15
CA TRP B 83 -1.21 -9.09 -11.70
C TRP B 83 -1.82 -8.94 -13.09
N GLY B 84 -2.54 -7.85 -13.32
CA GLY B 84 -3.17 -7.52 -14.61
C GLY B 84 -4.56 -8.08 -14.71
N ASP B 85 -4.99 -8.99 -13.82
CA ASP B 85 -6.38 -9.53 -13.84
C ASP B 85 -7.35 -8.44 -13.37
N VAL B 86 -8.58 -8.53 -13.85
CA VAL B 86 -9.68 -7.60 -13.48
C VAL B 86 -10.59 -8.34 -12.51
N VAL B 87 -10.71 -7.82 -11.28
CA VAL B 87 -11.62 -8.40 -10.25
C VAL B 87 -12.77 -7.41 -10.12
N GLU B 88 -13.98 -7.91 -9.95
CA GLU B 88 -15.17 -7.06 -9.69
C GLU B 88 -15.64 -7.34 -8.26
N ILE B 89 -15.80 -6.27 -7.49
CA ILE B 89 -16.29 -6.40 -6.09
C ILE B 89 -17.66 -5.72 -5.99
N GLU B 90 -18.63 -6.47 -5.46
CA GLU B 90 -19.97 -5.96 -5.09
C GLU B 90 -20.00 -5.83 -3.57
N THR B 91 -20.50 -4.70 -3.09
CA THR B 91 -20.59 -4.49 -1.64
C THR B 91 -21.94 -3.88 -1.27
N TRP B 92 -22.39 -4.18 -0.06
CA TRP B 92 -23.61 -3.56 0.51
C TRP B 92 -23.47 -3.52 2.02
N CYS B 93 -24.30 -2.69 2.64
CA CYS B 93 -24.34 -2.49 4.08
C CYS B 93 -25.76 -2.79 4.55
N GLN B 94 -25.86 -3.43 5.69
CA GLN B 94 -27.14 -3.75 6.34
CA GLN B 94 -27.14 -3.80 6.35
C GLN B 94 -27.07 -3.33 7.80
N SER B 95 -28.14 -2.70 8.27
CA SER B 95 -28.37 -2.43 9.71
C SER B 95 -28.35 -3.76 10.49
N GLU B 96 -27.74 -3.81 11.67
CA GLU B 96 -27.85 -4.99 12.56
C GLU B 96 -28.61 -4.59 13.82
N GLY B 97 -29.90 -4.24 13.67
CA GLY B 97 -30.70 -3.64 14.76
C GLY B 97 -29.93 -2.52 15.44
N ARG B 98 -29.81 -2.54 16.78
CA ARG B 98 -29.09 -1.50 17.54
C ARG B 98 -27.59 -1.81 17.67
N ILE B 99 -27.13 -3.00 17.26
CA ILE B 99 -25.74 -3.47 17.51
C ILE B 99 -24.77 -2.59 16.71
N GLY B 100 -25.08 -2.31 15.45
CA GLY B 100 -24.18 -1.59 14.53
C GLY B 100 -24.58 -1.85 13.10
N THR B 101 -23.60 -1.88 12.20
CA THR B 101 -23.82 -2.17 10.77
C THR B 101 -22.94 -3.34 10.37
N ARG B 102 -23.35 -4.00 9.29
CA ARG B 102 -22.61 -5.12 8.67
C ARG B 102 -22.39 -4.71 7.22
N ARG B 103 -21.13 -4.67 6.80
CA ARG B 103 -20.80 -4.54 5.37
C ARG B 103 -20.32 -5.90 4.85
N ASP B 104 -20.88 -6.32 3.74
CA ASP B 104 -20.52 -7.58 3.06
C ASP B 104 -19.92 -7.24 1.69
N TRP B 105 -19.12 -8.17 1.16
CA TRP B 105 -18.49 -8.09 -0.19
C TRP B 105 -18.50 -9.47 -0.86
N ILE B 106 -18.74 -9.49 -2.16
CA ILE B 106 -18.50 -10.65 -3.06
C ILE B 106 -17.43 -10.23 -4.08
N LEU B 107 -16.37 -11.02 -4.21
CA LEU B 107 -15.32 -10.82 -5.24
C LEU B 107 -15.56 -11.84 -6.35
N LYS B 108 -15.52 -11.35 -7.60
CA LYS B 108 -15.67 -12.19 -8.80
C LYS B 108 -14.52 -11.97 -9.78
N ASP B 109 -14.16 -13.04 -10.47
CA ASP B 109 -13.43 -12.94 -11.76
C ASP B 109 -14.32 -12.16 -12.74
N SER B 110 -13.89 -10.98 -13.14
CA SER B 110 -14.69 -10.01 -13.93
C SER B 110 -15.13 -10.65 -15.26
N VAL B 111 -14.34 -11.57 -15.79
CA VAL B 111 -14.52 -12.16 -17.14
C VAL B 111 -15.47 -13.36 -17.05
N THR B 112 -15.39 -14.16 -15.98
CA THR B 112 -16.16 -15.43 -15.86
C THR B 112 -17.37 -15.27 -14.93
N GLY B 113 -17.38 -14.28 -14.03
CA GLY B 113 -18.43 -14.13 -13.02
C GLY B 113 -18.31 -15.16 -11.91
N GLU B 114 -17.24 -15.94 -11.89
CA GLU B 114 -17.00 -16.97 -10.84
C GLU B 114 -16.64 -16.23 -9.55
N VAL B 115 -17.24 -16.63 -8.43
CA VAL B 115 -17.01 -16.00 -7.10
C VAL B 115 -15.61 -16.46 -6.65
N THR B 116 -14.68 -15.52 -6.46
CA THR B 116 -13.29 -15.88 -6.06
C THR B 116 -13.08 -15.53 -4.58
N GLY B 117 -13.97 -14.76 -3.98
CA GLY B 117 -13.91 -14.50 -2.54
C GLY B 117 -15.17 -13.89 -1.99
N ARG B 118 -15.24 -13.82 -0.66
CA ARG B 118 -16.39 -13.26 0.09
CA ARG B 118 -16.38 -13.26 0.09
C ARG B 118 -15.83 -12.65 1.37
N ALA B 119 -16.46 -11.60 1.85
CA ALA B 119 -16.09 -10.98 3.14
C ALA B 119 -17.33 -10.44 3.84
N THR B 120 -17.26 -10.37 5.16
CA THR B 120 -18.33 -9.77 6.00
C THR B 120 -17.62 -9.05 7.15
N SER B 121 -18.17 -7.91 7.54
CA SER B 121 -17.55 -7.11 8.63
C SER B 121 -18.67 -6.54 9.48
N LYS B 122 -18.42 -6.49 10.78
CA LYS B 122 -19.32 -5.91 11.78
C LYS B 122 -18.65 -4.64 12.29
N TRP B 123 -19.39 -3.55 12.27
CA TRP B 123 -18.92 -2.20 12.63
C TRP B 123 -19.82 -1.68 13.74
N VAL B 124 -19.24 -1.01 14.73
CA VAL B 124 -19.99 -0.54 15.92
C VAL B 124 -19.71 0.94 16.08
N MET B 125 -20.58 1.65 16.82
CA MET B 125 -20.37 3.10 17.02
C MET B 125 -19.59 3.31 18.31
N MET B 126 -18.61 4.19 18.27
CA MET B 126 -17.86 4.45 19.52
C MET B 126 -17.26 5.85 19.52
N ASN B 127 -17.14 6.44 20.71
CA ASN B 127 -16.32 7.66 20.85
C ASN B 127 -14.87 7.17 20.87
N GLN B 128 -14.07 7.68 19.95
CA GLN B 128 -12.69 7.19 19.67
C GLN B 128 -11.83 7.35 20.94
N ASP B 129 -12.14 8.35 21.74
CA ASP B 129 -11.30 8.83 22.86
C ASP B 129 -11.57 7.98 24.10
N THR B 130 -12.85 7.73 24.42
CA THR B 130 -13.29 6.93 25.58
C THR B 130 -13.40 5.44 25.23
N ARG B 131 -13.46 5.11 23.94
CA ARG B 131 -13.77 3.74 23.44
C ARG B 131 -15.14 3.27 23.94
N ARG B 132 -16.05 4.17 24.34
CA ARG B 132 -17.36 3.74 24.90
C ARG B 132 -18.33 3.48 23.73
N LEU B 133 -18.87 2.25 23.67
CA LEU B 133 -19.73 1.76 22.55
C LEU B 133 -21.11 2.36 22.75
N GLN B 134 -21.82 2.63 21.66
CA GLN B 134 -23.19 3.18 21.68
C GLN B 134 -24.03 2.32 20.75
N LYS B 135 -25.10 1.72 21.28
CA LYS B 135 -26.20 1.12 20.51
C LYS B 135 -26.72 2.18 19.52
N VAL B 136 -27.06 1.75 18.32
CA VAL B 136 -27.55 2.65 17.26
C VAL B 136 -28.95 3.09 17.66
N SER B 137 -29.13 4.38 17.89
CA SER B 137 -30.42 5.04 18.17
C SER B 137 -31.26 5.12 16.89
N ASP B 138 -32.56 5.34 17.04
CA ASP B 138 -33.50 5.52 15.90
C ASP B 138 -33.01 6.70 15.04
N ASP B 139 -32.56 7.79 15.67
CA ASP B 139 -32.13 9.02 14.94
C ASP B 139 -30.96 8.69 13.99
N VAL B 140 -29.98 7.88 14.39
CA VAL B 140 -28.80 7.55 13.53
C VAL B 140 -29.26 6.58 12.43
N ARG B 141 -30.04 5.56 12.80
CA ARG B 141 -30.54 4.53 11.83
C ARG B 141 -31.31 5.24 10.72
N ASP B 142 -32.14 6.21 11.07
CA ASP B 142 -32.94 7.02 10.09
C ASP B 142 -32.05 7.66 9.04
N GLU B 143 -30.80 7.95 9.37
CA GLU B 143 -29.90 8.71 8.47
C GLU B 143 -29.22 7.73 7.50
N TYR B 144 -29.36 6.41 7.63
CA TYR B 144 -28.68 5.52 6.64
C TYR B 144 -29.55 4.35 6.16
N LEU B 145 -30.66 4.02 6.81
CA LEU B 145 -31.41 2.77 6.52
C LEU B 145 -31.85 2.74 5.07
N VAL B 146 -32.23 3.88 4.48
CA VAL B 146 -32.73 3.93 3.09
C VAL B 146 -31.65 3.49 2.08
N PHE B 147 -30.36 3.48 2.46
CA PHE B 147 -29.24 3.12 1.54
C PHE B 147 -28.92 1.63 1.63
N CYS B 148 -29.63 0.90 2.50
CA CYS B 148 -29.40 -0.52 2.83
C CYS B 148 -30.55 -1.39 2.33
N PRO B 149 -30.27 -2.62 1.80
CA PRO B 149 -31.32 -3.61 1.58
C PRO B 149 -31.90 -3.92 2.96
N GLN B 150 -33.20 -4.14 3.05
CA GLN B 150 -33.89 -4.31 4.35
C GLN B 150 -34.14 -5.80 4.63
N GLU B 151 -34.22 -6.61 3.60
CA GLU B 151 -34.25 -8.08 3.76
C GLU B 151 -32.82 -8.60 3.80
N PRO B 152 -32.59 -9.69 4.56
CA PRO B 152 -31.24 -10.18 4.78
C PRO B 152 -30.53 -10.44 3.45
N ARG B 153 -29.30 -9.96 3.32
CA ARG B 153 -28.41 -10.34 2.20
C ARG B 153 -27.03 -10.60 2.78
N LEU B 154 -26.59 -11.86 2.82
CA LEU B 154 -25.33 -12.30 3.48
C LEU B 154 -24.36 -12.77 2.39
N ALA B 155 -23.12 -12.29 2.44
CA ALA B 155 -21.98 -12.87 1.69
C ALA B 155 -21.78 -14.35 2.10
N PHE B 156 -22.08 -14.75 3.34
CA PHE B 156 -21.81 -16.13 3.86
C PHE B 156 -23.12 -16.93 3.99
N ILE B 167 -14.06 -16.62 19.43
CA ILE B 167 -12.60 -16.81 19.25
C ILE B 167 -11.91 -16.73 20.60
N PRO B 168 -11.21 -17.81 21.02
CA PRO B 168 -10.53 -17.83 22.31
C PRO B 168 -9.22 -17.01 22.35
N LYS B 169 -8.77 -16.67 23.55
CA LYS B 169 -7.55 -15.84 23.76
C LYS B 169 -6.34 -16.76 23.83
N LEU B 170 -5.36 -16.55 22.94
CA LEU B 170 -4.13 -17.36 22.90
C LEU B 170 -3.52 -17.41 24.32
N GLU B 171 -3.11 -18.60 24.79
CA GLU B 171 -2.48 -18.73 26.14
C GLU B 171 -0.95 -18.72 26.01
N ASP B 172 -0.23 -18.07 26.93
CA ASP B 172 1.26 -18.07 26.91
C ASP B 172 1.76 -19.46 27.29
N PRO B 173 2.90 -19.95 26.75
CA PRO B 173 3.66 -19.26 25.71
C PRO B 173 3.07 -19.53 24.32
N ALA B 174 3.12 -18.54 23.45
CA ALA B 174 2.78 -18.67 22.03
C ALA B 174 3.80 -19.61 21.38
N GLN B 175 3.37 -20.33 20.33
CA GLN B 175 4.29 -21.19 19.55
C GLN B 175 5.24 -20.32 18.74
N TYR B 176 4.76 -19.18 18.24
CA TYR B 176 5.52 -18.29 17.32
C TYR B 176 5.24 -16.84 17.71
N SER B 177 6.19 -15.97 17.43
CA SER B 177 6.00 -14.53 17.72
C SER B 177 6.84 -13.68 16.77
N MET B 178 6.33 -12.47 16.51
CA MET B 178 7.04 -11.33 15.89
C MET B 178 6.82 -10.13 16.84
N ILE B 179 7.87 -9.61 17.47
CA ILE B 179 7.75 -8.52 18.48
C ILE B 179 8.21 -7.18 17.92
N GLY B 180 7.82 -6.10 18.57
CA GLY B 180 8.31 -4.73 18.30
C GLY B 180 7.75 -4.17 16.99
N LEU B 181 6.58 -4.62 16.55
CA LEU B 181 5.94 -4.12 15.30
C LEU B 181 5.39 -2.73 15.57
N LYS B 182 5.71 -1.78 14.71
CA LYS B 182 5.30 -0.36 14.90
C LYS B 182 4.73 0.14 13.60
N PRO B 183 3.67 0.96 13.68
CA PRO B 183 3.04 1.55 12.52
C PRO B 183 3.99 2.59 11.94
N ARG B 184 4.03 2.67 10.63
CA ARG B 184 4.73 3.74 9.88
C ARG B 184 3.65 4.72 9.41
N ARG B 185 4.06 5.87 8.87
CA ARG B 185 3.13 6.97 8.55
C ARG B 185 2.11 6.50 7.51
N ALA B 186 2.50 5.62 6.59
CA ALA B 186 1.65 5.08 5.50
C ALA B 186 0.56 4.18 6.07
N ASP B 187 0.71 3.69 7.31
CA ASP B 187 -0.27 2.80 7.97
C ASP B 187 -1.42 3.64 8.56
N LEU B 188 -1.29 4.96 8.63
CA LEU B 188 -2.31 5.86 9.23
C LEU B 188 -3.28 6.33 8.14
N ASP B 189 -4.58 6.33 8.40
CA ASP B 189 -5.61 6.72 7.39
C ASP B 189 -5.76 8.25 7.37
N MET B 190 -6.69 8.76 6.57
CA MET B 190 -6.91 10.24 6.47
C MET B 190 -7.32 10.79 7.84
N ASN B 191 -8.01 9.99 8.67
CA ASN B 191 -8.56 10.40 10.00
C ASN B 191 -7.53 10.06 11.10
N GLN B 192 -6.30 9.73 10.72
CA GLN B 192 -5.07 9.70 11.58
C GLN B 192 -5.03 8.47 12.50
N HIS B 193 -5.84 7.42 12.29
CA HIS B 193 -5.70 6.16 13.09
C HIS B 193 -5.17 5.04 12.18
N VAL B 194 -4.58 4.01 12.79
CA VAL B 194 -3.98 2.84 12.08
C VAL B 194 -5.03 2.19 11.17
N ASN B 195 -4.73 2.07 9.89
CA ASN B 195 -5.59 1.40 8.88
C ASN B 195 -5.94 -0.03 9.37
N ASN B 196 -7.21 -0.43 9.25
CA ASN B 196 -7.67 -1.78 9.71
C ASN B 196 -6.87 -2.89 9.00
N VAL B 197 -6.31 -2.64 7.81
CA VAL B 197 -5.54 -3.66 7.02
C VAL B 197 -4.17 -3.90 7.65
N THR B 198 -3.57 -2.90 8.31
CA THR B 198 -2.28 -3.07 9.02
C THR B 198 -2.39 -4.25 10.01
N TYR B 199 -3.51 -4.38 10.73
CA TYR B 199 -3.66 -5.43 11.77
C TYR B 199 -3.57 -6.81 11.11
N ILE B 200 -4.18 -6.96 9.93
CA ILE B 200 -4.06 -8.19 9.11
C ILE B 200 -2.58 -8.48 8.85
N GLY B 201 -1.82 -7.51 8.33
CA GLY B 201 -0.38 -7.70 8.05
C GLY B 201 0.34 -8.15 9.33
N TRP B 202 0.13 -7.46 10.44
CA TRP B 202 0.76 -7.79 11.74
C TRP B 202 0.44 -9.24 12.20
N VAL B 203 -0.82 -9.65 12.15
CA VAL B 203 -1.23 -11.05 12.47
C VAL B 203 -0.36 -12.02 11.66
N LEU B 204 -0.24 -11.78 10.34
CA LEU B 204 0.43 -12.74 9.42
C LEU B 204 1.94 -12.77 9.65
N GLU B 205 2.54 -11.69 10.16
CA GLU B 205 4.01 -11.59 10.41
C GLU B 205 4.49 -12.74 11.33
N SER B 206 3.67 -13.25 12.24
CA SER B 206 4.09 -14.32 13.16
C SER B 206 3.79 -15.72 12.60
N ILE B 207 3.25 -15.85 11.39
CA ILE B 207 3.14 -17.19 10.72
C ILE B 207 4.51 -17.60 10.17
N PRO B 208 4.99 -18.83 10.44
CA PRO B 208 6.29 -19.27 9.93
C PRO B 208 6.37 -19.20 8.39
N GLN B 209 7.50 -18.72 7.90
CA GLN B 209 7.82 -18.61 6.45
C GLN B 209 7.48 -19.93 5.73
N GLU B 210 7.73 -21.09 6.37
CA GLU B 210 7.57 -22.42 5.70
C GLU B 210 6.09 -22.59 5.31
N ILE B 211 5.18 -22.07 6.14
CA ILE B 211 3.72 -22.14 5.88
C ILE B 211 3.40 -21.17 4.73
N VAL B 212 3.83 -19.92 4.83
CA VAL B 212 3.59 -18.88 3.79
C VAL B 212 4.16 -19.35 2.45
N ASP B 213 5.29 -20.04 2.45
CA ASP B 213 5.97 -20.45 1.20
C ASP B 213 5.21 -21.59 0.53
N THR B 214 4.49 -22.41 1.28
CA THR B 214 3.87 -23.66 0.78
C THR B 214 2.35 -23.60 0.82
N HIS B 215 1.75 -22.60 1.46
CA HIS B 215 0.28 -22.53 1.66
C HIS B 215 -0.27 -21.19 1.16
N GLU B 216 -1.58 -21.17 0.90
CA GLU B 216 -2.34 -19.94 0.60
C GLU B 216 -3.33 -19.74 1.72
N LEU B 217 -3.51 -18.48 2.15
CA LEU B 217 -4.52 -18.10 3.17
CA LEU B 217 -4.52 -18.09 3.16
C LEU B 217 -5.92 -18.28 2.56
N GLN B 218 -6.75 -19.11 3.17
CA GLN B 218 -8.14 -19.33 2.68
C GLN B 218 -9.11 -18.52 3.53
N VAL B 219 -8.91 -18.47 4.84
CA VAL B 219 -9.86 -17.77 5.75
C VAL B 219 -9.05 -16.99 6.77
N ILE B 220 -9.50 -15.76 7.05
CA ILE B 220 -9.07 -14.98 8.24
C ILE B 220 -10.32 -14.40 8.89
N THR B 221 -10.41 -14.54 10.20
CA THR B 221 -11.39 -13.88 11.07
C THR B 221 -10.61 -13.09 12.11
N LEU B 222 -10.85 -11.80 12.18
CA LEU B 222 -10.16 -10.91 13.16
C LEU B 222 -11.24 -10.27 14.04
N ASP B 223 -11.08 -10.34 15.36
CA ASP B 223 -11.84 -9.55 16.37
C ASP B 223 -11.00 -8.36 16.76
N TYR B 224 -11.52 -7.13 16.63
CA TYR B 224 -10.79 -5.90 16.98
C TYR B 224 -11.23 -5.52 18.40
N ARG B 225 -10.28 -5.43 19.33
CA ARG B 225 -10.54 -5.18 20.78
C ARG B 225 -10.37 -3.68 21.05
N ARG B 226 -9.29 -3.08 20.54
CA ARG B 226 -9.06 -1.63 20.64
C ARG B 226 -7.97 -1.22 19.65
N GLU B 227 -7.94 0.07 19.32
CA GLU B 227 -7.07 0.65 18.29
C GLU B 227 -5.61 0.64 18.77
N CYS B 228 -4.68 0.43 17.84
CA CYS B 228 -3.25 0.78 17.99
C CYS B 228 -3.08 2.26 17.61
N GLN B 229 -2.50 3.06 18.51
CA GLN B 229 -2.22 4.50 18.25
C GLN B 229 -0.89 4.59 17.50
N GLN B 230 -0.62 5.75 16.91
CA GLN B 230 0.58 6.03 16.07
C GLN B 230 1.88 5.68 16.83
N ASP B 231 1.93 5.86 18.15
CA ASP B 231 3.19 5.68 18.93
C ASP B 231 3.19 4.32 19.68
N ASP B 232 2.23 3.43 19.42
CA ASP B 232 2.14 2.11 20.12
C ASP B 232 3.10 1.12 19.45
N VAL B 233 3.53 0.10 20.19
CA VAL B 233 4.38 -1.01 19.70
C VAL B 233 3.62 -2.32 19.98
N VAL B 234 3.60 -3.24 19.00
CA VAL B 234 2.69 -4.41 19.03
C VAL B 234 3.53 -5.69 18.93
N ASP B 235 3.10 -6.71 19.66
CA ASP B 235 3.63 -8.09 19.52
C ASP B 235 2.54 -8.93 18.83
N SER B 236 2.96 -9.71 17.83
CA SER B 236 2.10 -10.66 17.07
C SER B 236 2.44 -12.08 17.52
N LEU B 237 1.46 -12.78 18.07
CA LEU B 237 1.59 -14.14 18.66
C LEU B 237 0.71 -15.10 17.87
N THR B 238 1.25 -16.27 17.57
CA THR B 238 0.58 -17.33 16.77
C THR B 238 0.80 -18.71 17.41
N THR B 239 -0.25 -19.51 17.54
CA THR B 239 -0.15 -20.95 17.90
C THR B 239 -0.99 -21.78 16.93
N THR B 240 -0.43 -22.87 16.41
CA THR B 240 -1.14 -23.86 15.55
C THR B 240 -2.31 -24.43 16.37
N THR B 241 -3.49 -24.65 15.79
CA THR B 241 -4.65 -25.28 16.50
C THR B 241 -5.01 -26.62 15.85
N ASP B 260 -4.58 -28.79 5.25
CA ASP B 260 -5.01 -27.44 5.74
C ASP B 260 -4.45 -27.22 7.16
N SER B 261 -3.81 -26.07 7.39
CA SER B 261 -3.28 -25.66 8.71
C SER B 261 -4.14 -24.53 9.27
N GLN B 262 -4.36 -24.56 10.57
CA GLN B 262 -5.21 -23.57 11.27
C GLN B 262 -4.38 -22.98 12.40
N PHE B 263 -4.52 -21.67 12.63
CA PHE B 263 -3.79 -20.93 13.69
C PHE B 263 -4.74 -20.07 14.50
N LEU B 264 -4.36 -19.88 15.76
CA LEU B 264 -4.92 -18.86 16.67
C LEU B 264 -3.92 -17.71 16.74
N HIS B 265 -4.42 -16.49 16.82
CA HIS B 265 -3.63 -15.25 16.69
C HIS B 265 -4.01 -14.32 17.83
N LEU B 266 -3.02 -13.57 18.33
CA LEU B 266 -3.24 -12.50 19.33
C LEU B 266 -2.25 -11.38 19.04
N LEU B 267 -2.76 -10.15 18.92
CA LEU B 267 -1.94 -8.93 18.84
C LEU B 267 -2.13 -8.25 20.19
N ARG B 268 -1.04 -7.93 20.85
CA ARG B 268 -1.10 -7.24 22.14
C ARG B 268 -0.02 -6.16 22.16
N LEU B 269 -0.23 -5.12 22.96
CA LEU B 269 0.75 -4.04 23.13
C LEU B 269 2.01 -4.64 23.75
N SER B 270 3.16 -4.24 23.19
CA SER B 270 4.51 -4.58 23.73
C SER B 270 4.55 -4.02 25.17
N GLY B 271 5.14 -4.74 26.10
CA GLY B 271 5.18 -4.29 27.51
C GLY B 271 3.93 -4.72 28.25
N ASP B 272 2.92 -3.86 28.41
CA ASP B 272 1.77 -4.13 29.34
C ASP B 272 0.94 -5.32 28.82
N GLY B 273 1.02 -5.68 27.53
CA GLY B 273 0.29 -6.84 26.97
C GLY B 273 -1.23 -6.60 26.86
N GLN B 274 -1.67 -5.35 26.75
CA GLN B 274 -3.10 -5.02 26.44
C GLN B 274 -3.51 -5.64 25.09
N GLU B 275 -4.58 -6.43 25.07
CA GLU B 275 -5.06 -7.08 23.83
C GLU B 275 -5.53 -5.99 22.87
N ILE B 276 -5.10 -6.09 21.62
CA ILE B 276 -5.52 -5.21 20.50
C ILE B 276 -6.48 -6.00 19.58
N ASN B 277 -6.10 -7.24 19.22
CA ASN B 277 -6.86 -8.09 18.26
C ASN B 277 -6.69 -9.55 18.65
N ARG B 278 -7.67 -10.38 18.30
CA ARG B 278 -7.49 -11.85 18.29
C ARG B 278 -8.07 -12.34 16.97
N GLY B 279 -7.64 -13.50 16.52
CA GLY B 279 -7.97 -13.96 15.17
C GLY B 279 -7.67 -15.41 14.98
N THR B 280 -8.17 -15.94 13.88
CA THR B 280 -7.89 -17.31 13.41
C THR B 280 -7.62 -17.23 11.91
N THR B 281 -6.76 -18.11 11.42
CA THR B 281 -6.53 -18.26 9.96
C THR B 281 -6.57 -19.74 9.62
N LEU B 282 -7.05 -20.02 8.41
CA LEU B 282 -7.07 -21.36 7.78
C LEU B 282 -6.29 -21.26 6.47
N TRP B 283 -5.28 -22.10 6.30
CA TRP B 283 -4.38 -22.13 5.12
C TRP B 283 -4.53 -23.48 4.41
N ARG B 284 -4.57 -23.45 3.08
CA ARG B 284 -4.61 -24.64 2.19
C ARG B 284 -3.23 -24.78 1.51
N LYS B 285 -2.82 -26.01 1.22
CA LYS B 285 -1.58 -26.32 0.45
C LYS B 285 -1.71 -25.71 -0.96
N LYS B 286 -0.60 -25.27 -1.56
CA LYS B 286 -0.56 -24.63 -2.92
C LYS B 286 -0.76 -25.65 -4.05
C12 A1IPE C . 10.16 -1.16 -15.45
C11 A1IPE C . 9.60 -0.24 -14.57
C10 A1IPE C . 10.29 0.92 -14.30
C9 A1IPE C . 11.53 1.16 -14.89
C7 A1IPE C . 14.50 -0.26 -15.57
C8 A1IPE C . 12.08 0.25 -15.78
C6 A1IPE C . 13.84 1.96 -16.34
C5 A1IPE C . 13.47 0.51 -16.42
C4 A1IPE C . 14.87 -0.41 -18.26
C3 A1IPE C . 12.58 0.36 -18.67
N A1IPE C . 13.56 0.06 -17.83
C2 A1IPE C . 12.71 -0.23 -19.99
O1 A1IPE C . 14.68 -1.33 -19.33
O A1IPE C . 11.72 1.14 -18.40
C1 A1IPE C . 13.70 -1.07 -20.24
C A1IPE C . 13.85 -1.90 -21.46
CL1 A1IPE C . 9.33 -2.67 -15.79
CL A1IPE C . 9.65 2.07 -13.14
C13 A1IPE C . 11.40 -0.93 -16.06
C14 A1IPE C . 11.75 0.21 -21.06
C19 A1IPE C . 12.18 1.04 -22.06
C18 A1IPE C . 11.29 1.45 -23.05
C17 A1IPE C . 9.95 1.08 -22.98
C16 A1IPE C . 9.50 0.28 -21.94
C15 A1IPE C . 10.40 -0.18 -20.99
S SO4 D . -1.31 0.03 -25.77
O1 SO4 D . -1.18 1.34 -26.34
O2 SO4 D . -0.63 -0.93 -26.63
O3 SO4 D . -0.70 0.00 -24.46
O4 SO4 D . -2.72 -0.32 -25.65
C12 A1IPE E . -17.19 3.01 5.10
C11 A1IPE E . -16.40 2.00 4.61
C10 A1IPE E . -16.56 0.73 5.08
C9 A1IPE E . -17.60 0.40 5.95
C7 A1IPE E . -18.91 1.56 8.78
C8 A1IPE E . -18.48 1.41 6.39
C6 A1IPE E . -19.93 -0.36 7.54
C5 A1IPE E . -19.56 1.14 7.44
C4 A1IPE E . -21.45 2.43 8.39
C3 A1IPE E . -21.30 2.02 5.96
N A1IPE E . -20.78 1.95 7.19
C2 A1IPE E . -22.48 2.85 5.84
O1 A1IPE E . -22.35 3.47 8.10
O A1IPE E . -20.87 1.38 5.01
C1 A1IPE E . -22.88 3.59 6.86
C A1IPE E . -23.90 4.68 6.79
CL1 A1IPE E . -16.93 4.65 4.52
CL A1IPE E . -15.50 -0.52 4.46
C13 A1IPE E . -18.25 2.73 5.97
C14 A1IPE E . -23.24 2.82 4.55
C19 A1IPE E . -24.55 2.33 4.51
C18 A1IPE E . -25.24 2.25 3.30
C17 A1IPE E . -24.65 2.70 2.13
C16 A1IPE E . -23.37 3.24 2.17
C15 A1IPE E . -22.67 3.29 3.38
S SO4 F . -33.17 -3.31 11.57
O1 SO4 F . -32.64 -1.99 11.58
O2 SO4 F . -32.13 -4.26 11.85
O3 SO4 F . -34.18 -3.44 12.57
O4 SO4 F . -33.71 -3.60 10.31
C1 GOL G . -2.00 -15.57 0.99
O1 GOL G . -1.70 -16.88 0.55
C2 GOL G . -0.78 -14.72 1.21
O2 GOL G . 0.20 -15.33 2.05
C3 GOL G . -1.17 -13.40 1.80
O3 GOL G . -1.50 -12.50 0.77
#